data_3BL6
#
_entry.id   3BL6
#
_cell.length_a   58.250
_cell.length_b   81.670
_cell.length_c   45.460
_cell.angle_alpha   90.000
_cell.angle_beta   90.000
_cell.angle_gamma   90.000
#
_symmetry.space_group_name_H-M   'P 21 21 2'
#
loop_
_entity.id
_entity.type
_entity.pdbx_description
1 polymer "5'-methylthioadenosine nucleosidase/S-adenosylhomocysteine nucleosidase"
2 non-polymer (1S)-1-(7-amino-1H-pyrazolo[4,3-d]pyrimidin-3-yl)-1,4-anhydro-D-ribitol
3 water water
#
_entity_poly.entity_id   1
_entity_poly.type   'polypeptide(L)'
_entity_poly.pdbx_seq_one_letter_code
;AMMIGIIGAMEEEVTILKNKLTQLSEISVAHVKFYTGILKDREVVITQSGIGKVNAAISTTLLINKFKPDVIINTGSAGA
LDESLNVGDVLISDDVKYHDADATAFGYEYGQIPQMPVAFQSSKPLIEKVSQVVQQQQLTAKVGLIVSGDSFIGSVEQRQ
KIKKAFPNAMAVEMEATAIAQTCYQFNVPFVVVRAVSDLANGEAEMSFEAFLEKAAVSSSQTVEALVSQL
;
_entity_poly.pdbx_strand_id   A
#
loop_
_chem_comp.id
_chem_comp.type
_chem_comp.name
_chem_comp.formula
FMC non-polymer (1S)-1-(7-amino-1H-pyrazolo[4,3-d]pyrimidin-3-yl)-1,4-anhydro-D-ribitol 'C10 H13 N5 O4'
#
# COMPACT_ATOMS: atom_id res chain seq x y z
N ALA A 1 7.16 7.87 -22.16
CA ALA A 1 8.42 7.63 -21.46
C ALA A 1 8.27 7.12 -20.03
N MET A 2 7.55 7.82 -19.18
CA MET A 2 7.37 7.33 -17.83
C MET A 2 6.01 7.65 -17.20
N MET A 3 5.30 6.61 -16.75
CA MET A 3 3.98 6.77 -16.17
C MET A 3 3.90 6.08 -14.83
N ILE A 4 3.50 6.84 -13.81
CA ILE A 4 3.46 6.34 -12.45
C ILE A 4 2.04 6.21 -11.92
N GLY A 5 1.66 4.99 -11.57
CA GLY A 5 0.34 4.77 -10.99
C GLY A 5 0.43 4.88 -9.47
N ILE A 6 -0.55 5.55 -8.88
CA ILE A 6 -0.62 5.68 -7.44
C ILE A 6 -2.00 5.24 -6.98
N ILE A 7 -2.04 4.24 -6.11
CA ILE A 7 -3.30 3.68 -5.65
C ILE A 7 -3.47 3.85 -4.13
N GLY A 8 -4.62 4.38 -3.74
CA GLY A 8 -5.03 4.38 -2.35
C GLY A 8 -6.53 4.12 -2.22
N ALA A 9 -6.94 3.65 -1.06
CA ALA A 9 -8.26 3.05 -0.91
C ALA A 9 -9.34 4.11 -0.78
N MET A 10 -9.02 5.13 0.01
CA MET A 10 -9.99 6.08 0.53
C MET A 10 -9.68 7.47 -0.03
N GLU A 11 -10.73 8.26 -0.22
CA GLU A 11 -10.55 9.65 -0.66
C GLU A 11 -9.54 10.42 0.18
N GLU A 12 -9.62 10.25 1.49
CA GLU A 12 -8.73 10.93 2.41
C GLU A 12 -7.26 10.56 2.18
N GLU A 13 -7.03 9.37 1.65
CA GLU A 13 -5.67 8.91 1.40
C GLU A 13 -5.10 9.40 0.07
N VAL A 14 -5.95 9.84 -0.84
CA VAL A 14 -5.46 10.31 -2.15
C VAL A 14 -5.69 11.80 -2.41
N THR A 15 -6.48 12.45 -1.56
CA THR A 15 -6.81 13.86 -1.77
C THR A 15 -5.62 14.83 -1.76
N ILE A 16 -4.65 14.63 -0.93
CA ILE A 16 -3.50 15.53 -0.88
C ILE A 16 -2.74 15.52 -2.21
N LEU A 17 -2.46 14.31 -2.68
CA LEU A 17 -1.73 14.19 -3.94
C LEU A 17 -2.57 14.64 -5.13
N LYS A 18 -3.87 14.35 -5.10
CA LYS A 18 -4.75 14.73 -6.18
C LYS A 18 -4.77 16.25 -6.34
N ASN A 19 -4.79 16.97 -5.23
CA ASN A 19 -4.82 18.43 -5.30
C ASN A 19 -3.49 19.06 -5.68
N LYS A 20 -2.46 18.24 -5.88
CA LYS A 20 -1.16 18.76 -6.27
C LYS A 20 -0.91 18.54 -7.77
N LEU A 21 -1.83 17.85 -8.43
CA LEU A 21 -1.70 17.57 -9.86
C LEU A 21 -2.03 18.79 -10.72
N THR A 22 -1.37 18.90 -11.86
CA THR A 22 -1.67 19.95 -12.82
C THR A 22 -2.15 19.11 -14.02
N GLN A 23 -2.84 19.72 -14.96
CA GLN A 23 -3.37 18.96 -16.09
C GLN A 23 -4.37 17.88 -15.65
N LEU A 24 -5.08 18.16 -14.58
CA LEU A 24 -5.96 17.18 -13.98
C LEU A 24 -7.14 16.80 -14.87
N SER A 25 -7.39 15.50 -14.98
CA SER A 25 -8.65 14.95 -15.61
C SER A 25 -9.15 13.86 -14.74
N GLU A 26 -10.40 13.75 -14.63
CA GLU A 26 -11.02 12.67 -13.87
C GLU A 26 -11.76 11.68 -14.77
N ILE A 27 -11.48 10.39 -14.56
CA ILE A 27 -12.08 9.31 -15.33
C ILE A 27 -12.72 8.33 -14.36
N SER A 28 -13.88 7.79 -14.71
CA SER A 28 -14.57 6.82 -13.87
C SER A 28 -14.93 5.56 -14.63
N VAL A 29 -14.60 4.41 -14.05
CA VAL A 29 -14.91 3.08 -14.73
C VAL A 29 -15.29 2.22 -13.53
N ALA A 30 -16.48 1.63 -13.58
CA ALA A 30 -16.98 0.82 -12.47
C ALA A 30 -17.09 1.78 -11.16
N HIS A 31 -16.44 1.46 -10.04
CA HIS A 31 -16.50 2.34 -8.88
C HIS A 31 -15.15 3.02 -8.74
N VAL A 32 -14.25 2.73 -9.68
CA VAL A 32 -12.91 3.30 -9.62
C VAL A 32 -12.84 4.73 -10.15
N LYS A 33 -12.13 5.58 -9.42
CA LYS A 33 -11.96 6.96 -9.86
C LYS A 33 -10.49 7.15 -10.22
N PHE A 34 -10.24 7.67 -11.41
CA PHE A 34 -8.87 7.92 -11.84
C PHE A 34 -8.68 9.41 -12.02
N TYR A 35 -7.51 9.90 -11.64
CA TYR A 35 -7.16 11.31 -11.79
C TYR A 35 -5.82 11.30 -12.51
N THR A 36 -5.83 11.70 -13.78
CA THR A 36 -4.60 11.74 -14.57
C THR A 36 -4.02 13.15 -14.50
N GLY A 37 -2.70 13.26 -14.60
CA GLY A 37 -2.09 14.58 -14.53
C GLY A 37 -0.59 14.52 -14.33
N ILE A 38 -0.04 15.65 -13.90
CA ILE A 38 1.40 15.75 -13.67
C ILE A 38 1.70 16.04 -12.20
N LEU A 39 2.70 15.35 -11.67
CA LEU A 39 3.12 15.54 -10.28
C LEU A 39 4.64 15.63 -10.27
N LYS A 40 5.16 16.76 -9.80
CA LYS A 40 6.61 16.97 -9.75
C LYS A 40 7.23 16.66 -11.11
N ASP A 41 6.62 17.20 -12.18
CA ASP A 41 7.11 17.00 -13.53
C ASP A 41 7.12 15.54 -13.97
N ARG A 42 6.18 14.74 -13.44
CA ARG A 42 6.08 13.33 -13.81
C ARG A 42 4.63 13.00 -14.10
N GLU A 43 4.41 12.13 -15.10
CA GLU A 43 3.06 11.72 -15.43
C GLU A 43 2.61 10.70 -14.39
N VAL A 44 1.40 10.89 -13.90
CA VAL A 44 0.85 9.96 -12.90
C VAL A 44 -0.65 9.80 -13.10
N VAL A 45 -1.16 8.72 -12.55
CA VAL A 45 -2.59 8.48 -12.57
C VAL A 45 -2.86 8.04 -11.14
N ILE A 46 -3.56 8.81 -10.46
CA ILE A 46 -3.94 8.51 -9.08
C ILE A 46 -5.28 7.80 -9.14
N THR A 47 -5.28 6.70 -8.34
CA THR A 47 -6.44 5.83 -8.30
C THR A 47 -7.03 5.61 -6.91
N GLN A 48 -8.32 5.84 -6.76
CA GLN A 48 -8.99 5.60 -5.49
C GLN A 48 -9.63 4.23 -5.71
N SER A 49 -9.11 3.23 -5.03
CA SER A 49 -9.55 1.85 -5.22
C SER A 49 -10.74 1.27 -4.45
N GLY A 50 -11.02 1.82 -3.28
CA GLY A 50 -12.06 1.23 -2.47
C GLY A 50 -11.28 0.31 -1.56
N ILE A 51 -11.93 -0.25 -0.54
CA ILE A 51 -11.26 -1.10 0.44
C ILE A 51 -11.31 -2.60 0.19
N GLY A 52 -10.26 -3.30 0.63
CA GLY A 52 -10.22 -4.75 0.49
C GLY A 52 -9.55 -5.32 -0.75
N LYS A 53 -9.34 -6.63 -0.73
CA LYS A 53 -8.67 -7.36 -1.81
C LYS A 53 -9.26 -7.22 -3.20
N VAL A 54 -10.56 -7.45 -3.32
CA VAL A 54 -11.21 -7.40 -4.62
C VAL A 54 -11.29 -5.98 -5.18
N ASN A 55 -11.62 -4.99 -4.36
CA ASN A 55 -11.65 -3.63 -4.86
C ASN A 55 -10.26 -3.22 -5.36
N ALA A 56 -9.24 -3.61 -4.60
CA ALA A 56 -7.85 -3.30 -4.98
C ALA A 56 -7.47 -3.99 -6.28
N ALA A 57 -7.86 -5.25 -6.44
CA ALA A 57 -7.55 -6.00 -7.66
C ALA A 57 -8.24 -5.41 -8.87
N ILE A 58 -9.44 -5.09 -8.75
CA ILE A 58 -10.19 -4.46 -9.84
C ILE A 58 -9.51 -3.17 -10.24
N SER A 59 -9.30 -2.32 -9.28
CA SER A 59 -8.66 -1.03 -9.53
C SER A 59 -7.29 -1.16 -10.16
N THR A 60 -6.47 -2.08 -9.66
CA THR A 60 -5.14 -2.26 -10.22
C THR A 60 -5.18 -2.82 -11.64
N THR A 61 -6.10 -3.76 -11.89
CA THR A 61 -6.25 -4.35 -13.21
C THR A 61 -6.62 -3.27 -14.23
N LEU A 62 -7.73 -2.39 -14.12
CA LEU A 62 -7.99 -1.23 -14.96
C LEU A 62 -6.80 -0.27 -14.95
N LEU A 63 -6.24 0.07 -13.87
CA LEU A 63 -5.16 1.05 -13.97
C LEU A 63 -4.09 0.57 -14.96
N ILE A 64 -3.69 -0.69 -14.82
CA ILE A 64 -2.66 -1.24 -15.71
C ILE A 64 -3.16 -1.34 -17.14
N ASN A 65 -4.40 -1.79 -17.25
CA ASN A 65 -4.89 -2.15 -18.57
C ASN A 65 -5.30 -0.92 -19.38
N LYS A 66 -5.75 0.22 -18.67
CA LYS A 66 -6.08 1.50 -19.30
C LYS A 66 -4.93 2.50 -19.46
N PHE A 67 -4.04 2.55 -18.48
CA PHE A 67 -2.98 3.54 -18.51
C PHE A 67 -1.54 3.07 -18.73
N LYS A 68 -1.33 1.77 -18.79
CA LYS A 68 0.01 1.21 -19.02
C LYS A 68 1.10 1.84 -18.14
N PRO A 69 0.94 1.78 -16.81
CA PRO A 69 1.96 2.37 -15.94
C PRO A 69 3.27 1.59 -15.93
N ASP A 70 4.37 2.29 -15.70
CA ASP A 70 5.69 1.68 -15.66
C ASP A 70 5.98 1.17 -14.25
N VAL A 71 5.39 1.83 -13.26
CA VAL A 71 5.55 1.47 -11.87
C VAL A 71 4.25 1.80 -11.15
N ILE A 72 3.99 1.09 -10.05
CA ILE A 72 2.80 1.35 -9.26
C ILE A 72 3.19 1.55 -7.80
N ILE A 73 2.65 2.59 -7.18
CA ILE A 73 2.91 2.91 -5.78
C ILE A 73 1.58 2.81 -5.03
N ASN A 74 1.57 2.02 -3.95
CA ASN A 74 0.37 1.88 -3.12
C ASN A 74 0.56 2.70 -1.86
N THR A 75 -0.36 3.63 -1.59
CA THR A 75 -0.23 4.44 -0.38
C THR A 75 -1.46 4.22 0.50
N GLY A 76 -1.52 4.90 1.64
CA GLY A 76 -2.64 4.73 2.55
C GLY A 76 -2.14 4.46 3.96
N SER A 77 -3.01 3.91 4.82
CA SER A 77 -2.62 3.63 6.21
C SER A 77 -2.44 2.14 6.47
N ALA A 78 -2.06 1.80 7.69
CA ALA A 78 -1.87 0.40 8.08
C ALA A 78 -1.71 0.33 9.60
N GLY A 79 -1.91 -0.86 10.16
CA GLY A 79 -1.75 -1.05 11.59
C GLY A 79 -0.35 -1.58 11.86
N ALA A 80 0.34 -1.01 12.84
CA ALA A 80 1.70 -1.44 13.16
C ALA A 80 1.72 -2.74 13.96
N LEU A 81 2.62 -3.65 13.58
CA LEU A 81 2.81 -4.92 14.27
C LEU A 81 4.17 -4.87 14.97
N ASP A 82 5.06 -4.02 14.47
CA ASP A 82 6.39 -3.84 15.05
C ASP A 82 6.23 -2.84 16.20
N GLU A 83 6.47 -3.27 17.44
CA GLU A 83 6.30 -2.40 18.60
C GLU A 83 7.10 -1.09 18.63
N SER A 84 8.13 -0.98 17.81
CA SER A 84 8.92 0.25 17.80
C SER A 84 8.31 1.34 16.94
N LEU A 85 7.27 0.99 16.17
CA LEU A 85 6.61 1.96 15.31
C LEU A 85 5.54 2.80 16.00
N ASN A 86 5.42 4.06 15.58
CA ASN A 86 4.44 4.99 16.15
C ASN A 86 3.54 5.53 15.05
N VAL A 87 2.36 6.03 15.42
CA VAL A 87 1.45 6.57 14.42
C VAL A 87 2.15 7.67 13.62
N GLY A 88 1.94 7.66 12.32
CA GLY A 88 2.57 8.64 11.46
C GLY A 88 3.85 8.13 10.82
N ASP A 89 4.43 7.05 11.37
CA ASP A 89 5.66 6.50 10.82
C ASP A 89 5.38 5.96 9.43
N VAL A 90 6.33 6.16 8.51
CA VAL A 90 6.17 5.69 7.16
C VAL A 90 6.55 4.21 7.03
N LEU A 91 5.77 3.48 6.24
CA LEU A 91 5.96 2.04 6.03
C LEU A 91 6.29 1.71 4.58
N ILE A 92 7.46 1.07 4.45
CA ILE A 92 7.92 0.75 3.10
C ILE A 92 7.93 -0.76 2.94
N SER A 93 7.27 -1.26 1.90
CA SER A 93 7.21 -2.70 1.67
C SER A 93 8.50 -3.32 1.12
N ASP A 94 8.91 -4.41 1.73
CA ASP A 94 9.84 -5.35 1.11
C ASP A 94 9.42 -6.70 0.54
N ASP A 95 8.67 -7.50 1.28
CA ASP A 95 7.79 -8.46 0.63
C ASP A 95 6.40 -8.27 1.20
N VAL A 96 5.42 -8.87 0.56
CA VAL A 96 4.06 -8.80 1.09
C VAL A 96 3.43 -10.18 0.97
N LYS A 97 2.57 -10.52 1.92
CA LYS A 97 1.91 -11.83 1.95
C LYS A 97 0.53 -11.69 2.58
N TYR A 98 -0.36 -12.63 2.28
CA TYR A 98 -1.69 -12.62 2.88
C TYR A 98 -1.57 -13.31 4.24
N HIS A 99 -2.23 -12.77 5.26
CA HIS A 99 -2.17 -13.40 6.57
C HIS A 99 -3.44 -14.22 6.82
N ASP A 100 -4.41 -14.11 5.92
CA ASP A 100 -5.68 -14.81 6.07
C ASP A 100 -5.99 -15.87 5.03
N ALA A 101 -5.00 -16.23 4.21
CA ALA A 101 -5.20 -17.24 3.17
C ALA A 101 -4.70 -18.60 3.65
N ASP A 102 -5.61 -19.57 3.82
CA ASP A 102 -5.22 -20.90 4.28
C ASP A 102 -5.60 -22.06 3.36
N ALA A 103 -4.64 -22.48 2.54
CA ALA A 103 -4.82 -23.61 1.64
C ALA A 103 -3.78 -24.66 2.04
N THR A 104 -3.42 -24.68 3.32
CA THR A 104 -2.44 -25.64 3.80
C THR A 104 -2.90 -27.09 3.65
N ALA A 105 -4.21 -27.29 3.50
CA ALA A 105 -4.73 -28.65 3.35
C ALA A 105 -4.13 -29.33 2.12
N PHE A 106 -3.73 -28.53 1.12
CA PHE A 106 -3.13 -29.06 -0.10
C PHE A 106 -1.59 -29.07 -0.01
N GLY A 107 -1.04 -28.62 1.12
CA GLY A 107 0.40 -28.60 1.27
C GLY A 107 1.05 -27.25 0.99
N TYR A 108 0.25 -26.25 0.68
CA TYR A 108 0.78 -24.91 0.41
C TYR A 108 1.19 -24.27 1.74
N GLU A 109 2.07 -23.28 1.67
CA GLU A 109 2.50 -22.59 2.88
C GLU A 109 1.33 -21.76 3.38
N TYR A 110 1.23 -21.57 4.70
CA TYR A 110 0.16 -20.74 5.21
C TYR A 110 0.30 -19.36 4.58
N GLY A 111 -0.81 -18.79 4.13
CA GLY A 111 -0.81 -17.47 3.50
C GLY A 111 -0.67 -17.50 1.99
N GLN A 112 -0.31 -18.66 1.45
CA GLN A 112 -0.11 -18.82 0.01
C GLN A 112 -1.37 -19.21 -0.76
N ILE A 113 -1.66 -18.45 -1.81
CA ILE A 113 -2.76 -18.83 -2.71
C ILE A 113 -2.32 -19.97 -3.60
N PRO A 114 -3.17 -20.98 -3.75
CA PRO A 114 -2.81 -22.11 -4.60
C PRO A 114 -2.23 -21.67 -5.92
N GLN A 115 -1.08 -22.24 -6.24
CA GLN A 115 -0.43 -22.04 -7.51
C GLN A 115 0.16 -20.64 -7.71
N MET A 116 0.11 -19.82 -6.65
CA MET A 116 0.83 -18.56 -6.63
C MET A 116 2.08 -18.65 -5.79
N PRO A 117 2.91 -17.61 -5.83
CA PRO A 117 4.05 -17.48 -4.92
C PRO A 117 3.60 -17.31 -3.48
N VAL A 118 4.45 -17.71 -2.53
CA VAL A 118 4.19 -17.48 -1.12
C VAL A 118 4.11 -16.00 -0.80
N ALA A 119 4.97 -15.23 -1.45
CA ALA A 119 5.03 -13.80 -1.22
C ALA A 119 5.19 -13.07 -2.53
N PHE A 120 4.91 -11.77 -2.52
CA PHE A 120 5.25 -10.92 -3.64
C PHE A 120 6.30 -9.88 -3.26
N GLN A 121 7.18 -9.56 -4.27
CA GLN A 121 8.36 -8.77 -3.93
C GLN A 121 8.26 -7.36 -4.48
N SER A 122 8.39 -6.37 -3.66
CA SER A 122 8.51 -5.01 -4.13
C SER A 122 9.77 -4.82 -4.96
N SER A 123 9.70 -3.90 -5.89
CA SER A 123 10.85 -3.60 -6.74
C SER A 123 12.03 -3.10 -5.89
N LYS A 124 13.13 -3.80 -5.93
CA LYS A 124 14.27 -3.35 -5.13
C LYS A 124 14.77 -1.96 -5.48
N PRO A 125 14.79 -1.57 -6.73
CA PRO A 125 15.19 -0.19 -7.05
C PRO A 125 14.24 0.85 -6.44
N LEU A 126 12.97 0.48 -6.26
CA LEU A 126 12.01 1.41 -5.68
C LEU A 126 12.22 1.49 -4.17
N ILE A 127 12.52 0.36 -3.55
CA ILE A 127 12.77 0.33 -2.11
C ILE A 127 13.95 1.24 -1.80
N GLU A 128 15.01 1.11 -2.58
CA GLU A 128 16.22 1.88 -2.36
C GLU A 128 15.94 3.37 -2.51
N LYS A 129 15.18 3.72 -3.53
CA LYS A 129 14.91 5.11 -3.85
C LYS A 129 14.08 5.79 -2.76
N VAL A 130 13.02 5.13 -2.33
CA VAL A 130 12.15 5.72 -1.35
C VAL A 130 12.83 5.73 0.03
N SER A 131 13.82 4.86 0.20
CA SER A 131 14.60 4.85 1.44
C SER A 131 15.41 6.14 1.53
N GLN A 132 15.92 6.60 0.40
CA GLN A 132 16.70 7.85 0.37
C GLN A 132 15.74 9.01 0.62
N VAL A 133 14.58 8.95 -0.02
CA VAL A 133 13.57 9.99 0.12
C VAL A 133 13.11 10.24 1.55
N VAL A 134 12.74 9.18 2.29
CA VAL A 134 12.27 9.39 3.65
C VAL A 134 13.33 9.98 4.57
N GLN A 135 14.59 9.61 4.33
CA GLN A 135 15.65 10.16 5.15
C GLN A 135 15.81 11.65 4.87
N GLN A 136 15.85 12.03 3.60
CA GLN A 136 16.00 13.42 3.26
C GLN A 136 14.78 14.25 3.65
N GLN A 137 13.65 13.60 3.86
CA GLN A 137 12.44 14.30 4.30
C GLN A 137 12.40 14.29 5.83
N GLN A 138 13.37 13.57 6.41
CA GLN A 138 13.50 13.42 7.86
C GLN A 138 12.20 12.92 8.50
N LEU A 139 11.63 11.90 7.86
CA LEU A 139 10.41 11.27 8.33
C LEU A 139 10.76 9.87 8.82
N THR A 140 10.37 9.56 10.06
CA THR A 140 10.65 8.24 10.62
C THR A 140 10.01 7.20 9.72
N ALA A 141 10.77 6.18 9.35
CA ALA A 141 10.26 5.14 8.46
C ALA A 141 10.90 3.77 8.68
N LYS A 142 10.30 2.74 8.10
CA LYS A 142 10.85 1.40 8.22
C LYS A 142 10.44 0.53 7.05
N VAL A 143 11.37 -0.30 6.60
CA VAL A 143 11.15 -1.22 5.49
C VAL A 143 10.90 -2.61 6.07
N GLY A 144 9.92 -3.33 5.52
CA GLY A 144 9.66 -4.65 6.02
C GLY A 144 8.50 -5.39 5.38
N LEU A 145 8.23 -6.58 5.89
CA LEU A 145 7.13 -7.38 5.38
C LEU A 145 5.80 -6.75 5.79
N ILE A 146 4.93 -6.53 4.80
CA ILE A 146 3.58 -6.10 5.10
C ILE A 146 2.61 -7.22 4.72
N VAL A 147 1.67 -7.50 5.62
CA VAL A 147 0.67 -8.54 5.36
C VAL A 147 -0.74 -7.97 5.19
N SER A 148 -1.52 -8.61 4.32
CA SER A 148 -2.85 -8.14 3.98
C SER A 148 -3.91 -9.20 4.21
N GLY A 149 -5.14 -8.74 4.41
CA GLY A 149 -6.29 -9.60 4.60
C GLY A 149 -7.56 -8.80 4.33
N ASP A 150 -8.72 -9.45 4.39
CA ASP A 150 -9.99 -8.74 4.17
C ASP A 150 -10.64 -8.46 5.51
N SER A 151 -9.82 -8.23 6.53
CA SER A 151 -10.31 -7.92 7.87
C SER A 151 -9.55 -6.74 8.48
N PHE A 152 -10.22 -5.99 9.35
CA PHE A 152 -9.56 -4.89 10.02
C PHE A 152 -9.01 -5.52 11.29
N ILE A 153 -7.73 -5.34 11.55
CA ILE A 153 -7.13 -5.93 12.74
C ILE A 153 -7.30 -4.92 13.87
N GLY A 154 -8.32 -5.16 14.69
CA GLY A 154 -8.63 -4.27 15.79
C GLY A 154 -8.78 -4.95 17.13
N SER A 155 -7.96 -5.96 17.39
CA SER A 155 -8.01 -6.65 18.66
C SER A 155 -6.68 -7.35 18.87
N VAL A 156 -6.28 -7.51 20.11
CA VAL A 156 -5.01 -8.16 20.40
C VAL A 156 -5.06 -9.62 19.94
N GLU A 157 -6.24 -10.23 20.03
CA GLU A 157 -6.37 -11.61 19.58
C GLU A 157 -6.03 -11.77 18.10
N GLN A 158 -6.62 -10.92 17.26
CA GLN A 158 -6.32 -10.95 15.84
C GLN A 158 -4.84 -10.65 15.62
N ARG A 159 -4.31 -9.74 16.43
CA ARG A 159 -2.94 -9.27 16.23
C ARG A 159 -1.95 -10.40 16.56
N GLN A 160 -2.19 -11.09 17.65
CA GLN A 160 -1.32 -12.21 18.05
C GLN A 160 -1.34 -13.33 17.03
N LYS A 161 -2.50 -13.57 16.41
CA LYS A 161 -2.61 -14.63 15.43
C LYS A 161 -1.66 -14.36 14.28
N ILE A 162 -1.67 -13.10 13.83
CA ILE A 162 -0.77 -12.68 12.76
C ILE A 162 0.70 -12.72 13.18
N LYS A 163 1.02 -12.16 14.33
CA LYS A 163 2.39 -12.16 14.83
C LYS A 163 2.98 -13.58 14.94
N LYS A 164 2.17 -14.53 15.40
CA LYS A 164 2.63 -15.91 15.53
C LYS A 164 2.91 -16.54 14.17
N ALA A 165 2.08 -16.20 13.19
CA ALA A 165 2.20 -16.79 11.86
C ALA A 165 3.28 -16.11 11.01
N PHE A 166 3.48 -14.83 11.25
CA PHE A 166 4.46 -14.03 10.51
C PHE A 166 5.23 -13.19 11.52
N PRO A 167 6.17 -13.82 12.24
CA PRO A 167 6.98 -13.15 13.25
C PRO A 167 7.66 -11.87 12.78
N ASN A 168 8.04 -11.81 11.51
CA ASN A 168 8.71 -10.62 10.99
C ASN A 168 7.78 -9.59 10.36
N ALA A 169 6.47 -9.85 10.37
CA ALA A 169 5.55 -8.88 9.78
C ALA A 169 5.69 -7.53 10.49
N MET A 170 5.78 -6.47 9.71
CA MET A 170 5.95 -5.12 10.24
C MET A 170 4.63 -4.36 10.40
N ALA A 171 3.70 -4.60 9.49
CA ALA A 171 2.41 -3.91 9.52
C ALA A 171 1.34 -4.75 8.81
N VAL A 172 0.09 -4.37 9.00
CA VAL A 172 -1.03 -5.11 8.39
C VAL A 172 -2.07 -4.14 7.83
N GLU A 173 -2.61 -4.47 6.67
CA GLU A 173 -3.64 -3.65 6.08
C GLU A 173 -4.43 -4.46 5.04
N MET A 174 -5.36 -3.85 4.31
CA MET A 174 -6.21 -4.65 3.42
C MET A 174 -5.97 -4.80 1.92
N GLU A 175 -5.19 -3.90 1.31
CA GLU A 175 -4.99 -4.04 -0.13
C GLU A 175 -3.63 -4.36 -0.74
N ALA A 176 -2.55 -3.99 -0.05
CA ALA A 176 -1.20 -4.17 -0.58
C ALA A 176 -0.90 -5.48 -1.29
N THR A 177 -1.18 -6.59 -0.64
CA THR A 177 -0.88 -7.89 -1.26
C THR A 177 -1.73 -8.16 -2.49
N ALA A 178 -2.98 -7.67 -2.49
CA ALA A 178 -3.88 -7.85 -3.64
C ALA A 178 -3.33 -7.05 -4.82
N ILE A 179 -2.88 -5.83 -4.53
CA ILE A 179 -2.26 -4.99 -5.55
C ILE A 179 -0.98 -5.69 -6.04
N ALA A 180 -0.20 -6.19 -5.17
CA ALA A 180 1.05 -6.86 -5.53
C ALA A 180 0.80 -8.10 -6.38
N GLN A 181 -0.22 -8.87 -6.03
CA GLN A 181 -0.56 -10.07 -6.79
C GLN A 181 -0.96 -9.68 -8.20
N THR A 182 -1.70 -8.59 -8.31
CA THR A 182 -2.14 -8.11 -9.62
C THR A 182 -0.91 -7.66 -10.44
N CYS A 183 0.00 -6.95 -9.78
CA CYS A 183 1.21 -6.49 -10.46
C CYS A 183 2.06 -7.69 -10.87
N TYR A 184 2.03 -8.75 -10.07
CA TYR A 184 2.78 -9.95 -10.43
C TYR A 184 2.20 -10.53 -11.70
N GLN A 185 0.87 -10.65 -11.76
CA GLN A 185 0.23 -11.21 -12.94
C GLN A 185 0.50 -10.42 -14.21
N PHE A 186 0.67 -9.09 -14.10
CA PHE A 186 0.98 -8.27 -15.27
C PHE A 186 2.46 -7.91 -15.35
N ASN A 187 3.25 -8.41 -14.40
CA ASN A 187 4.69 -8.12 -14.30
C ASN A 187 4.98 -6.61 -14.33
N VAL A 188 4.38 -5.89 -13.40
CA VAL A 188 4.60 -4.44 -13.27
C VAL A 188 5.25 -4.25 -11.90
N PRO A 189 6.36 -3.50 -11.83
CA PRO A 189 7.04 -3.26 -10.55
C PRO A 189 6.20 -2.43 -9.59
N PHE A 190 6.24 -2.77 -8.30
CA PHE A 190 5.48 -2.00 -7.32
C PHE A 190 6.26 -1.79 -6.03
N VAL A 191 5.72 -0.90 -5.21
CA VAL A 191 6.23 -0.62 -3.89
C VAL A 191 5.09 -0.02 -3.10
N VAL A 192 5.04 -0.35 -1.81
CA VAL A 192 4.01 0.17 -0.92
C VAL A 192 4.65 1.25 -0.06
N VAL A 193 3.99 2.40 0.03
CA VAL A 193 4.48 3.51 0.83
C VAL A 193 3.27 4.02 1.62
N ARG A 194 3.05 3.42 2.79
CA ARG A 194 1.94 3.78 3.65
C ARG A 194 2.45 4.40 4.94
N ALA A 195 1.54 4.64 5.89
CA ALA A 195 1.94 5.21 7.16
C ALA A 195 1.06 4.64 8.26
N VAL A 196 1.61 4.56 9.47
CA VAL A 196 0.88 4.01 10.61
C VAL A 196 -0.26 4.91 11.08
N SER A 197 -1.45 4.32 11.18
CA SER A 197 -2.62 5.04 11.62
C SER A 197 -3.07 4.46 12.96
N ASP A 198 -2.57 3.27 13.28
CA ASP A 198 -2.97 2.59 14.51
C ASP A 198 -2.02 1.43 14.82
N LEU A 199 -2.18 0.84 16.00
CA LEU A 199 -1.31 -0.26 16.42
C LEU A 199 -1.98 -1.63 16.29
N ALA A 200 -3.05 -1.68 15.51
CA ALA A 200 -3.78 -2.92 15.26
C ALA A 200 -4.04 -3.63 16.59
N ASN A 201 -4.67 -2.94 17.53
CA ASN A 201 -4.94 -3.55 18.83
C ASN A 201 -6.34 -3.08 19.23
N GLY A 202 -6.73 -3.39 20.47
CA GLY A 202 -8.04 -3.00 20.95
C GLY A 202 -8.44 -1.53 20.85
N GLU A 203 -7.51 -0.68 20.43
CA GLU A 203 -7.81 0.74 20.28
C GLU A 203 -7.64 1.09 18.81
N ALA A 204 -7.34 0.09 17.99
CA ALA A 204 -7.11 0.32 16.57
C ALA A 204 -8.19 1.15 15.87
N GLU A 205 -9.46 0.82 16.08
CA GLU A 205 -10.53 1.55 15.43
C GLU A 205 -10.56 3.03 15.83
N MET A 206 -10.35 3.29 17.12
CA MET A 206 -10.34 4.68 17.60
C MET A 206 -9.10 5.40 17.10
N SER A 207 -7.96 4.71 17.17
CA SER A 207 -6.70 5.28 16.71
C SER A 207 -6.79 5.63 15.23
N PHE A 208 -7.39 4.73 14.45
CA PHE A 208 -7.55 4.95 13.02
C PHE A 208 -8.29 6.28 12.76
N GLU A 209 -9.40 6.49 13.48
CA GLU A 209 -10.18 7.72 13.31
C GLU A 209 -9.36 8.94 13.72
N ALA A 210 -8.59 8.79 14.79
CA ALA A 210 -7.77 9.89 15.31
C ALA A 210 -6.60 10.26 14.41
N PHE A 211 -5.94 9.26 13.85
CA PHE A 211 -4.75 9.50 13.04
C PHE A 211 -4.80 9.27 11.54
N LEU A 212 -6.01 9.16 10.99
CA LEU A 212 -6.13 8.99 9.55
C LEU A 212 -5.48 10.17 8.82
N GLU A 213 -5.75 11.39 9.27
CA GLU A 213 -5.19 12.59 8.64
C GLU A 213 -3.66 12.66 8.75
N LYS A 214 -3.13 12.32 9.92
CA LYS A 214 -1.68 12.33 10.11
C LYS A 214 -1.01 11.34 9.17
N ALA A 215 -1.54 10.12 9.09
CA ALA A 215 -0.96 9.10 8.22
C ALA A 215 -1.01 9.53 6.76
N ALA A 216 -2.10 10.16 6.35
CA ALA A 216 -2.22 10.61 4.96
C ALA A 216 -1.14 11.64 4.63
N VAL A 217 -0.82 12.49 5.60
CA VAL A 217 0.20 13.52 5.38
C VAL A 217 1.62 12.97 5.22
N SER A 218 2.04 12.06 6.11
CA SER A 218 3.38 11.54 6.00
C SER A 218 3.57 10.62 4.79
N SER A 219 2.57 9.78 4.51
CA SER A 219 2.68 8.89 3.36
C SER A 219 2.65 9.71 2.07
N SER A 220 1.77 10.71 2.01
CA SER A 220 1.69 11.55 0.83
C SER A 220 2.98 12.34 0.60
N GLN A 221 3.54 12.89 1.67
CA GLN A 221 4.78 13.65 1.54
C GLN A 221 5.88 12.78 0.95
N THR A 222 5.95 11.53 1.41
CA THR A 222 6.97 10.60 0.92
C THR A 222 6.71 10.23 -0.54
N VAL A 223 5.46 9.92 -0.87
CA VAL A 223 5.11 9.56 -2.25
C VAL A 223 5.42 10.70 -3.21
N GLU A 224 5.03 11.91 -2.86
CA GLU A 224 5.29 13.08 -3.70
C GLU A 224 6.80 13.24 -3.95
N ALA A 225 7.59 13.09 -2.88
CA ALA A 225 9.03 13.23 -3.01
C ALA A 225 9.62 12.09 -3.83
N LEU A 226 9.06 10.89 -3.69
CA LEU A 226 9.56 9.75 -4.45
C LEU A 226 9.30 9.96 -5.94
N VAL A 227 8.06 10.34 -6.26
CA VAL A 227 7.69 10.58 -7.65
C VAL A 227 8.65 11.56 -8.31
N SER A 228 9.02 12.61 -7.58
CA SER A 228 9.92 13.63 -8.13
C SER A 228 11.30 13.09 -8.48
N GLN A 229 11.65 11.92 -7.92
CA GLN A 229 12.95 11.31 -8.22
C GLN A 229 12.91 10.16 -9.22
N LEU A 230 11.78 9.83 -9.85
CA LEU A 230 11.63 8.68 -10.74
C LEU A 230 11.64 9.07 -12.20
N1 FMC B . -5.99 -3.52 10.01
C2 FMC B . -6.40 -3.66 8.71
N3 FMC B . -6.44 -2.67 7.80
C4 FMC B . -5.98 -1.39 8.30
C5 FMC B . -5.54 -1.19 9.62
C6 FMC B . -5.56 -2.32 10.53
N6 FMC B . -5.18 -2.23 11.80
N7 FMC B . -5.19 0.12 9.75
N8 FMC B . -5.39 0.79 8.55
C9 FMC B . -5.85 -0.09 7.66
C1' FMC B . -6.21 0.28 6.20
C2' FMC B . -6.71 -0.79 5.17
O2' FMC B . -5.85 -1.10 4.09
C3' FMC B . -8.06 -0.28 4.71
O3' FMC B . -7.85 0.31 3.41
C4' FMC B . -8.58 0.74 5.76
O4' FMC B . -7.28 1.28 6.23
C5' FMC B . -9.37 0.11 6.99
O5' FMC B . -10.64 -0.45 6.68
#